data_4RTR
#
_entry.id   4RTR
#
_cell.length_a   43.660
_cell.length_b   62.922
_cell.length_c   136.272
_cell.angle_alpha   90.00
_cell.angle_beta   90.00
_cell.angle_gamma   90.00
#
_symmetry.space_group_name_H-M   'P 21 21 21'
#
loop_
_entity.id
_entity.type
_entity.pdbx_description
1 polymer 'DNA adenine methylase'
2 polymer "DNA (5'-D(*AP*CP*TP*TP*AP*AP*AP*CP*TP*TP*AP*A)-3')"
3 polymer "DNA (5'-D(*TP*TP*TP*AP*AP*GP*TP*TP*TP*AP*AP*G)-3')"
4 non-polymer S-ADENOSYLMETHIONINE
5 water water
#
loop_
_entity_poly.entity_id
_entity_poly.type
_entity_poly.pdbx_seq_one_letter_code
_entity_poly.pdbx_strand_id
1 'polypeptide(L)'
;MGSSHHHHHHSSGLVPRGSHMKKNRAFLKWAGGKYPLLDDIKRHLPKGECLVEPFVGAGSVFLNTDFSRYILADINSDLI
SLYNIVKMRTDEYVQAARELFVPETNCAEVYYQFREEFNKSQDPFRRAVLFLYLNRYGYNGLCRYNLRGEFNVPFGRYKK
PYFPEAELYHFAEKAQNAFFYCESYADSMARADDSSVVYCDPPYAPLSATANFTAYHTNSFTLEQQAHLAEIAEGLVERH
IPVLISNHDTMLTREWYQRAKLHVVKVRRSISSNGGTRKKVDELLALYKPGVVSPAKK
;
A
2 'polydeoxyribonucleotide' (DA)(DC)(DT)(DT)(DA)(DA)(DA)(DC)(DT)(DT)(DA)(DA) F
3 'polydeoxyribonucleotide' (DT)(DT)(DT)(DA)(DA)(DG)(DT)(DT)(DT)(DA)(DA)(DG) G
#
# COMPACT_ATOMS: atom_id res chain seq x y z
N LYS A 23 5.65 -1.96 16.97
CA LYS A 23 5.05 -1.69 15.66
C LYS A 23 6.06 -1.93 14.54
N ASN A 24 5.69 -2.80 13.60
CA ASN A 24 6.55 -3.12 12.48
C ASN A 24 6.43 -2.10 11.36
N ARG A 25 7.57 -1.74 10.78
CA ARG A 25 7.58 -0.78 9.68
C ARG A 25 7.62 -1.49 8.33
N ALA A 26 7.12 -0.80 7.31
CA ALA A 26 7.22 -1.29 5.94
C ALA A 26 8.63 -1.08 5.43
N PHE A 27 9.05 -1.88 4.45
CA PHE A 27 10.39 -1.72 3.91
C PHE A 27 10.41 -0.62 2.84
N LEU A 28 9.23 -0.17 2.44
CA LEU A 28 9.11 0.90 1.46
C LEU A 28 8.73 2.23 2.10
N LYS A 29 9.27 3.32 1.58
CA LYS A 29 8.82 4.65 1.95
C LYS A 29 7.62 5.00 1.07
N TRP A 30 6.47 5.26 1.68
CA TRP A 30 5.25 5.47 0.92
C TRP A 30 4.43 6.63 1.49
N ALA A 31 3.83 7.41 0.59
CA ALA A 31 3.01 8.55 0.99
C ALA A 31 1.72 8.09 1.66
N GLY A 32 1.45 8.64 2.84
CA GLY A 32 0.28 8.24 3.61
C GLY A 32 0.38 6.81 4.07
N GLY A 33 1.47 6.50 4.78
CA GLY A 33 1.72 5.14 5.25
C GLY A 33 0.78 4.69 6.34
N LYS A 34 0.05 5.64 6.92
CA LYS A 34 -0.91 5.36 7.99
C LYS A 34 -0.26 4.66 9.17
N TYR A 35 1.01 4.98 9.41
CA TYR A 35 1.76 4.39 10.52
C TYR A 35 1.38 5.00 11.88
N PRO A 36 1.28 6.33 11.99
CA PRO A 36 0.87 6.84 13.31
C PRO A 36 -0.63 6.68 13.57
N LEU A 37 -1.36 6.16 12.59
CA LEU A 37 -2.80 5.96 12.72
C LEU A 37 -3.17 4.50 12.95
N LEU A 38 -2.15 3.66 13.11
CA LEU A 38 -2.34 2.22 13.23
C LEU A 38 -3.19 1.84 14.44
N ASP A 39 -2.92 2.48 15.58
CA ASP A 39 -3.64 2.16 16.80
C ASP A 39 -5.12 2.50 16.67
N ASP A 40 -5.42 3.59 15.98
CA ASP A 40 -6.81 4.01 15.79
C ASP A 40 -7.52 3.08 14.81
N ILE A 41 -6.84 2.71 13.74
CA ILE A 41 -7.39 1.81 12.74
C ILE A 41 -7.69 0.45 13.34
N LYS A 42 -6.71 -0.12 14.04
CA LYS A 42 -6.87 -1.42 14.67
C LYS A 42 -7.96 -1.43 15.73
N ARG A 43 -8.20 -0.26 16.31
CA ARG A 43 -9.21 -0.13 17.36
C ARG A 43 -10.62 -0.21 16.79
N HIS A 44 -10.78 0.15 15.51
CA HIS A 44 -12.08 0.13 14.87
C HIS A 44 -12.16 -0.93 13.78
N LEU A 45 -11.13 -1.76 13.67
CA LEU A 45 -11.09 -2.82 12.67
C LEU A 45 -11.63 -4.13 13.24
N PRO A 46 -12.76 -4.60 12.70
CA PRO A 46 -13.43 -5.83 13.15
C PRO A 46 -12.59 -7.08 12.91
N LYS A 47 -12.82 -8.11 13.71
CA LYS A 47 -12.09 -9.36 13.57
C LYS A 47 -12.66 -10.22 12.44
N GLY A 48 -11.82 -11.08 11.87
CA GLY A 48 -12.25 -11.95 10.78
C GLY A 48 -11.15 -12.92 10.37
N GLU A 49 -11.49 -13.84 9.48
CA GLU A 49 -10.53 -14.83 9.00
C GLU A 49 -9.57 -14.21 7.98
N CYS A 50 -10.09 -13.27 7.20
CA CYS A 50 -9.30 -12.68 6.11
C CYS A 50 -9.46 -11.17 6.03
N LEU A 51 -8.34 -10.49 5.84
CA LEU A 51 -8.35 -9.04 5.64
C LEU A 51 -8.12 -8.70 4.17
N VAL A 52 -9.02 -7.91 3.60
CA VAL A 52 -8.89 -7.48 2.22
C VAL A 52 -8.49 -6.01 2.16
N GLU A 53 -7.39 -5.72 1.46
CA GLU A 53 -6.94 -4.36 1.27
C GLU A 53 -6.87 -4.00 -0.20
N PRO A 54 -7.88 -3.25 -0.69
CA PRO A 54 -7.92 -2.78 -2.08
C PRO A 54 -6.81 -1.80 -2.40
N PHE A 55 -6.35 -1.08 -1.38
CA PHE A 55 -5.27 -0.11 -1.52
C PHE A 55 -4.15 -0.42 -0.54
N VAL A 56 -3.39 -1.48 -0.80
CA VAL A 56 -2.44 -1.98 0.19
C VAL A 56 -1.31 -0.98 0.46
N GLY A 57 -0.81 -0.33 -0.59
CA GLY A 57 0.29 0.60 -0.46
C GLY A 57 1.53 -0.06 0.14
N ALA A 58 2.05 0.53 1.21
CA ALA A 58 3.20 -0.03 1.91
C ALA A 58 2.79 -1.23 2.76
N GLY A 59 1.50 -1.32 3.08
CA GLY A 59 0.96 -2.44 3.82
C GLY A 59 1.22 -2.38 5.31
N SER A 60 1.16 -1.17 5.88
CA SER A 60 1.37 -0.97 7.31
C SER A 60 0.34 -1.72 8.15
N VAL A 61 -0.90 -1.73 7.69
CA VAL A 61 -1.97 -2.41 8.41
C VAL A 61 -1.79 -3.91 8.30
N PHE A 62 -1.37 -4.37 7.12
CA PHE A 62 -1.08 -5.77 6.89
C PHE A 62 0.02 -6.26 7.84
N LEU A 63 1.08 -5.47 7.99
CA LEU A 63 2.24 -5.86 8.78
C LEU A 63 1.99 -5.75 10.29
N ASN A 64 0.90 -5.13 10.68
CA ASN A 64 0.63 -4.90 12.10
C ASN A 64 -0.72 -5.46 12.56
N THR A 65 -1.29 -6.36 11.77
CA THR A 65 -2.49 -7.08 12.17
C THR A 65 -2.21 -8.57 12.23
N ASP A 66 -3.20 -9.34 12.70
CA ASP A 66 -3.00 -10.78 12.86
C ASP A 66 -4.15 -11.59 12.28
N PHE A 67 -4.39 -11.44 10.98
CA PHE A 67 -5.39 -12.25 10.30
C PHE A 67 -4.79 -13.56 9.82
N SER A 68 -5.63 -14.58 9.68
CA SER A 68 -5.16 -15.89 9.25
C SER A 68 -4.68 -15.85 7.80
N ARG A 69 -5.32 -15.00 6.98
CA ARG A 69 -4.90 -14.82 5.61
C ARG A 69 -5.24 -13.41 5.13
N TYR A 70 -4.54 -12.97 4.08
CA TYR A 70 -4.73 -11.61 3.55
C TYR A 70 -4.95 -11.62 2.04
N ILE A 71 -5.80 -10.72 1.59
CA ILE A 71 -5.93 -10.44 0.15
C ILE A 71 -5.54 -8.99 -0.08
N LEU A 72 -4.37 -8.79 -0.68
CA LEU A 72 -3.80 -7.46 -0.82
C LEU A 72 -3.73 -7.06 -2.29
N ALA A 73 -4.29 -5.89 -2.61
CA ALA A 73 -4.33 -5.43 -3.99
C ALA A 73 -3.94 -3.96 -4.13
N ASP A 74 -3.56 -3.59 -5.34
CA ASP A 74 -3.15 -2.21 -5.65
C ASP A 74 -3.06 -2.07 -7.16
N ILE A 75 -3.25 -0.85 -7.65
CA ILE A 75 -3.25 -0.61 -9.09
C ILE A 75 -1.83 -0.58 -9.66
N ASN A 76 -0.85 -0.41 -8.78
CA ASN A 76 0.55 -0.32 -9.18
C ASN A 76 1.15 -1.70 -9.45
N SER A 77 1.42 -2.00 -10.71
CA SER A 77 1.91 -3.32 -11.10
C SER A 77 3.33 -3.58 -10.58
N ASP A 78 4.17 -2.54 -10.57
CA ASP A 78 5.53 -2.66 -10.05
C ASP A 78 5.51 -3.02 -8.56
N LEU A 79 4.54 -2.47 -7.84
CA LEU A 79 4.41 -2.73 -6.41
C LEU A 79 4.03 -4.18 -6.14
N ILE A 80 3.00 -4.65 -6.84
CA ILE A 80 2.52 -6.02 -6.67
C ILE A 80 3.56 -7.03 -7.11
N SER A 81 4.24 -6.74 -8.21
CA SER A 81 5.31 -7.59 -8.71
C SER A 81 6.43 -7.74 -7.69
N LEU A 82 6.86 -6.60 -7.14
CA LEU A 82 7.86 -6.57 -6.08
C LEU A 82 7.46 -7.42 -4.88
N TYR A 83 6.21 -7.27 -4.44
CA TYR A 83 5.72 -7.98 -3.27
C TYR A 83 5.76 -9.50 -3.43
N ASN A 84 5.46 -9.99 -4.62
CA ASN A 84 5.49 -11.43 -4.89
C ASN A 84 6.91 -11.97 -4.98
N ILE A 85 7.83 -11.13 -5.44
CA ILE A 85 9.23 -11.53 -5.55
C ILE A 85 9.90 -11.59 -4.18
N VAL A 86 9.62 -10.61 -3.33
CA VAL A 86 10.15 -10.60 -1.97
C VAL A 86 9.62 -11.82 -1.20
N LYS A 87 8.39 -12.20 -1.48
CA LYS A 87 7.77 -13.34 -0.83
C LYS A 87 8.36 -14.69 -1.26
N MET A 88 8.52 -14.88 -2.58
CA MET A 88 8.93 -16.18 -3.11
C MET A 88 10.44 -16.34 -3.25
N ARG A 89 11.15 -15.24 -3.48
CA ARG A 89 12.59 -15.29 -3.70
C ARG A 89 13.31 -14.36 -2.72
N THR A 90 13.02 -14.54 -1.44
CA THR A 90 13.46 -13.63 -0.39
C THR A 90 14.98 -13.47 -0.27
N ASP A 91 15.66 -14.58 -0.03
CA ASP A 91 17.12 -14.55 0.15
C ASP A 91 17.82 -14.02 -1.09
N GLU A 92 17.35 -14.45 -2.26
CA GLU A 92 17.91 -14.01 -3.53
C GLU A 92 17.74 -12.50 -3.72
N TYR A 93 16.56 -11.99 -3.35
CA TYR A 93 16.26 -10.58 -3.53
C TYR A 93 17.08 -9.68 -2.61
N VAL A 94 17.12 -10.04 -1.33
CA VAL A 94 17.83 -9.25 -0.33
C VAL A 94 19.32 -9.11 -0.68
N GLN A 95 19.92 -10.20 -1.12
CA GLN A 95 21.34 -10.19 -1.49
C GLN A 95 21.58 -9.32 -2.73
N ALA A 96 20.63 -9.32 -3.65
CA ALA A 96 20.76 -8.55 -4.87
C ALA A 96 20.54 -7.07 -4.61
N ALA A 97 19.54 -6.75 -3.80
CA ALA A 97 19.18 -5.37 -3.51
C ALA A 97 20.19 -4.68 -2.59
N ARG A 98 20.84 -5.46 -1.73
CA ARG A 98 21.79 -4.91 -0.77
C ARG A 98 23.03 -4.34 -1.46
N GLU A 99 23.37 -4.91 -2.61
CA GLU A 99 24.56 -4.47 -3.35
C GLU A 99 24.41 -3.05 -3.90
N LEU A 100 23.18 -2.59 -4.01
CA LEU A 100 22.93 -1.25 -4.44
C LEU A 100 22.92 -0.22 -3.32
N PHE A 101 22.83 -0.65 -2.09
CA PHE A 101 22.90 0.26 -0.97
C PHE A 101 24.32 0.42 -0.46
N VAL A 102 25.17 0.98 -1.31
CA VAL A 102 26.53 1.27 -0.97
C VAL A 102 26.77 2.70 -1.28
N PRO A 103 27.91 3.21 -0.66
CA PRO A 103 28.10 4.65 -0.87
C PRO A 103 28.33 5.04 -2.29
N GLU A 104 28.83 4.14 -3.11
CA GLU A 104 29.17 4.47 -4.50
C GLU A 104 27.94 4.80 -5.34
N THR A 105 26.78 4.33 -4.94
CA THR A 105 25.57 4.58 -5.70
C THR A 105 24.80 5.79 -5.25
N ASN A 106 25.30 6.47 -4.25
CA ASN A 106 24.67 7.66 -3.77
C ASN A 106 25.09 8.95 -4.44
N CYS A 107 24.99 9.02 -5.74
CA CYS A 107 25.22 10.25 -6.46
C CYS A 107 24.17 10.34 -7.53
N ALA A 108 23.90 11.54 -8.02
CA ALA A 108 22.86 11.79 -9.02
C ALA A 108 23.11 11.03 -10.32
N GLU A 109 24.36 11.01 -10.76
CA GLU A 109 24.71 10.39 -12.04
C GLU A 109 24.41 8.90 -12.05
N VAL A 110 24.76 8.22 -10.96
CA VAL A 110 24.47 6.79 -10.84
C VAL A 110 22.96 6.56 -10.70
N TYR A 111 22.30 7.40 -9.91
CA TYR A 111 20.86 7.29 -9.69
C TYR A 111 20.06 7.34 -10.99
N TYR A 112 20.34 8.33 -11.82
CA TYR A 112 19.58 8.50 -13.06
C TYR A 112 19.88 7.39 -14.08
N GLN A 113 21.03 6.73 -13.93
CA GLN A 113 21.33 5.60 -14.79
C GLN A 113 20.57 4.36 -14.33
N PHE A 114 20.46 4.19 -13.02
CA PHE A 114 19.65 3.11 -12.46
C PHE A 114 18.17 3.32 -12.76
N ARG A 115 17.74 4.59 -12.77
CA ARG A 115 16.37 4.92 -13.13
C ARG A 115 16.12 4.56 -14.58
N GLU A 116 17.11 4.82 -15.43
CA GLU A 116 17.01 4.49 -16.85
C GLU A 116 17.00 2.98 -17.06
N GLU A 117 17.86 2.27 -16.32
CA GLU A 117 17.90 0.81 -16.41
C GLU A 117 16.56 0.21 -16.00
N PHE A 118 15.94 0.82 -15.00
CA PHE A 118 14.62 0.39 -14.55
C PHE A 118 13.58 0.55 -15.66
N ASN A 119 13.60 1.70 -16.32
CA ASN A 119 12.60 2.00 -17.34
C ASN A 119 12.77 1.22 -18.63
N LYS A 120 13.96 0.66 -18.85
CA LYS A 120 14.24 -0.09 -20.07
C LYS A 120 14.19 -1.60 -19.86
N SER A 121 14.21 -2.03 -18.59
CA SER A 121 14.23 -3.44 -18.27
C SER A 121 12.86 -4.10 -18.43
N GLN A 122 12.85 -5.31 -18.97
CA GLN A 122 11.61 -6.10 -19.03
C GLN A 122 11.70 -7.30 -18.09
N ASP A 123 12.70 -7.29 -17.22
CA ASP A 123 12.87 -8.35 -16.25
C ASP A 123 12.28 -7.96 -14.89
N PRO A 124 11.23 -8.67 -14.45
CA PRO A 124 10.52 -8.40 -13.20
C PRO A 124 11.42 -8.40 -11.97
N PHE A 125 12.39 -9.30 -11.93
CA PHE A 125 13.30 -9.38 -10.78
C PHE A 125 14.21 -8.17 -10.71
N ARG A 126 14.86 -7.85 -11.83
CA ARG A 126 15.76 -6.71 -11.90
C ARG A 126 15.02 -5.41 -11.60
N ARG A 127 13.80 -5.29 -12.13
CA ARG A 127 12.97 -4.12 -11.87
C ARG A 127 12.64 -4.02 -10.38
N ALA A 128 12.37 -5.16 -9.75
CA ALA A 128 12.05 -5.19 -8.33
C ALA A 128 13.23 -4.78 -7.47
N VAL A 129 14.43 -5.20 -7.88
CA VAL A 129 15.66 -4.83 -7.18
C VAL A 129 15.89 -3.32 -7.27
N LEU A 130 15.83 -2.79 -8.49
CA LEU A 130 16.04 -1.37 -8.72
C LEU A 130 14.95 -0.52 -8.08
N PHE A 131 13.74 -1.08 -7.98
CA PHE A 131 12.60 -0.36 -7.40
C PHE A 131 12.86 0.04 -5.95
N LEU A 132 13.49 -0.86 -5.20
CA LEU A 132 13.82 -0.58 -3.80
C LEU A 132 14.87 0.53 -3.72
N TYR A 133 15.86 0.47 -4.61
CA TYR A 133 16.88 1.50 -4.68
C TYR A 133 16.25 2.87 -4.96
N LEU A 134 15.42 2.93 -6.00
CA LEU A 134 14.77 4.18 -6.40
C LEU A 134 13.86 4.73 -5.31
N ASN A 135 13.26 3.86 -4.53
CA ASN A 135 12.37 4.27 -3.45
C ASN A 135 13.13 4.89 -2.28
N ARG A 136 14.36 4.45 -2.07
CA ARG A 136 15.16 4.91 -0.94
C ARG A 136 16.14 6.02 -1.31
N TYR A 137 16.49 6.09 -2.59
CA TYR A 137 17.45 7.09 -3.06
C TYR A 137 16.75 8.23 -3.81
N GLY A 138 15.51 8.00 -4.20
CA GLY A 138 14.73 9.02 -4.89
C GLY A 138 14.16 10.03 -3.92
N TYR A 139 13.64 11.13 -4.46
CA TYR A 139 13.11 12.21 -3.64
C TYR A 139 11.88 11.79 -2.84
N ASN A 140 11.97 11.88 -1.52
CA ASN A 140 10.85 11.67 -0.60
C ASN A 140 10.09 10.37 -0.81
N GLY A 141 10.77 9.36 -1.34
CA GLY A 141 10.18 8.06 -1.57
C GLY A 141 8.96 8.10 -2.48
N LEU A 142 8.92 9.10 -3.36
CA LEU A 142 7.82 9.27 -4.28
C LEU A 142 7.80 8.17 -5.33
N CYS A 143 6.61 7.84 -5.81
CA CYS A 143 6.45 6.88 -6.89
C CYS A 143 5.64 7.54 -8.01
N ARG A 144 6.35 8.16 -8.95
CA ARG A 144 5.70 8.94 -9.99
C ARG A 144 6.08 8.44 -11.38
N TYR A 145 5.09 8.36 -12.27
CA TYR A 145 5.30 7.92 -13.64
C TYR A 145 4.79 8.94 -14.64
N ASN A 146 5.28 8.86 -15.87
CA ASN A 146 4.67 9.62 -16.97
C ASN A 146 3.65 8.73 -17.69
N LEU A 147 3.01 9.26 -18.72
CA LEU A 147 1.97 8.53 -19.42
C LEU A 147 2.53 7.35 -20.23
N ARG A 148 3.85 7.31 -20.39
CA ARG A 148 4.51 6.18 -21.02
C ARG A 148 4.70 5.05 -20.02
N GLY A 149 4.50 5.36 -18.73
CA GLY A 149 4.70 4.39 -17.68
C GLY A 149 6.12 4.39 -17.16
N GLU A 150 6.84 5.48 -17.41
CA GLU A 150 8.24 5.58 -17.01
C GLU A 150 8.41 6.33 -15.69
N PHE A 151 9.12 5.70 -14.75
CA PHE A 151 9.46 6.29 -13.46
C PHE A 151 10.29 7.55 -13.65
N ASN A 152 9.84 8.67 -13.09
CA ASN A 152 10.56 9.93 -13.29
C ASN A 152 10.77 10.76 -12.02
N VAL A 153 10.92 10.07 -10.89
CA VAL A 153 11.24 10.74 -9.63
C VAL A 153 12.73 11.10 -9.59
N PRO A 154 13.04 12.37 -9.27
CA PRO A 154 14.43 12.83 -9.25
C PRO A 154 15.24 12.29 -8.08
N PHE A 155 16.54 12.56 -8.10
CA PHE A 155 17.45 12.13 -7.04
C PHE A 155 17.12 12.82 -5.72
N GLY A 156 17.17 12.06 -4.63
CA GLY A 156 16.77 12.56 -3.32
C GLY A 156 17.84 13.29 -2.54
N ARG A 157 19.11 13.10 -2.91
CA ARG A 157 20.24 13.74 -2.25
C ARG A 157 20.29 13.47 -0.76
N TYR A 158 20.16 12.20 -0.39
CA TYR A 158 20.21 11.82 1.02
C TYR A 158 21.64 11.55 1.48
N LYS A 159 21.87 11.74 2.78
CA LYS A 159 23.18 11.49 3.37
C LYS A 159 23.47 9.99 3.40
N LYS A 160 22.57 9.22 4.00
CA LYS A 160 22.78 7.79 4.14
C LYS A 160 21.45 7.03 4.11
N PRO A 161 21.03 6.61 2.91
CA PRO A 161 19.79 5.83 2.76
C PRO A 161 19.86 4.51 3.52
N TYR A 162 18.76 4.18 4.20
CA TYR A 162 18.71 2.97 5.02
C TYR A 162 18.27 1.75 4.19
N PHE A 163 18.96 0.63 4.37
CA PHE A 163 18.58 -0.61 3.70
C PHE A 163 17.72 -1.46 4.63
N PRO A 164 16.43 -1.59 4.30
CA PRO A 164 15.44 -2.25 5.16
C PRO A 164 15.53 -3.77 5.11
N GLU A 165 16.64 -4.33 5.55
CA GLU A 165 16.83 -5.78 5.51
C GLU A 165 15.89 -6.50 6.48
N ALA A 166 15.76 -5.94 7.69
CA ALA A 166 14.88 -6.53 8.70
C ALA A 166 13.42 -6.46 8.27
N GLU A 167 13.03 -5.32 7.73
CA GLU A 167 11.65 -5.12 7.28
C GLU A 167 11.33 -6.00 6.08
N LEU A 168 12.34 -6.24 5.24
CA LEU A 168 12.18 -7.12 4.08
C LEU A 168 11.88 -8.56 4.52
N TYR A 169 12.67 -9.07 5.46
CA TYR A 169 12.49 -10.44 5.93
C TYR A 169 11.20 -10.61 6.70
N HIS A 170 10.79 -9.57 7.43
CA HIS A 170 9.54 -9.63 8.17
C HIS A 170 8.35 -9.61 7.22
N PHE A 171 8.50 -8.86 6.13
CA PHE A 171 7.45 -8.80 5.11
C PHE A 171 7.25 -10.17 4.47
N ALA A 172 8.36 -10.81 4.10
CA ALA A 172 8.31 -12.12 3.47
C ALA A 172 7.68 -13.16 4.39
N GLU A 173 7.93 -13.03 5.68
CA GLU A 173 7.39 -13.95 6.67
C GLU A 173 5.86 -13.85 6.74
N LYS A 174 5.35 -12.62 6.78
CA LYS A 174 3.90 -12.40 6.84
C LYS A 174 3.22 -12.66 5.51
N ALA A 175 3.97 -12.50 4.42
CA ALA A 175 3.40 -12.66 3.07
C ALA A 175 3.09 -14.12 2.74
N GLN A 176 3.51 -15.03 3.62
CA GLN A 176 3.27 -16.45 3.40
C GLN A 176 1.79 -16.80 3.43
N ASN A 177 1.00 -15.93 4.06
CA ASN A 177 -0.44 -16.12 4.14
C ASN A 177 -1.20 -15.03 3.39
N ALA A 178 -0.52 -14.40 2.44
CA ALA A 178 -1.12 -13.30 1.69
C ALA A 178 -1.06 -13.55 0.19
N PHE A 179 -2.11 -13.15 -0.52
CA PHE A 179 -2.11 -13.14 -1.97
C PHE A 179 -2.10 -11.69 -2.47
N PHE A 180 -1.34 -11.45 -3.54
CA PHE A 180 -1.23 -10.11 -4.09
C PHE A 180 -1.85 -10.06 -5.49
N TYR A 181 -2.63 -9.01 -5.73
CA TYR A 181 -3.29 -8.83 -7.03
C TYR A 181 -3.09 -7.42 -7.55
N CYS A 182 -2.81 -7.30 -8.84
CA CYS A 182 -2.76 -5.99 -9.47
C CYS A 182 -4.10 -5.72 -10.15
N GLU A 183 -4.98 -5.00 -9.47
CA GLU A 183 -6.31 -4.72 -9.99
C GLU A 183 -6.96 -3.54 -9.27
N SER A 184 -7.97 -2.95 -9.89
CA SER A 184 -8.67 -1.81 -9.30
C SER A 184 -9.46 -2.25 -8.07
N TYR A 185 -9.87 -1.28 -7.27
CA TYR A 185 -10.54 -1.56 -6.00
C TYR A 185 -11.82 -2.37 -6.18
N ALA A 186 -12.56 -2.11 -7.26
CA ALA A 186 -13.83 -2.77 -7.49
C ALA A 186 -13.67 -4.28 -7.66
N ASP A 187 -12.55 -4.69 -8.25
CA ASP A 187 -12.28 -6.10 -8.50
C ASP A 187 -11.79 -6.83 -7.26
N SER A 188 -11.00 -6.13 -6.44
CA SER A 188 -10.46 -6.74 -5.23
C SER A 188 -11.52 -6.87 -4.14
N MET A 189 -12.39 -5.88 -4.04
CA MET A 189 -13.46 -5.92 -3.05
C MET A 189 -14.50 -6.98 -3.39
N ALA A 190 -14.53 -7.40 -4.66
CA ALA A 190 -15.43 -8.46 -5.10
C ALA A 190 -14.94 -9.84 -4.62
N ARG A 191 -13.69 -9.93 -4.25
CA ARG A 191 -13.11 -11.15 -3.69
C ARG A 191 -13.52 -11.39 -2.28
N ALA A 192 -14.00 -10.37 -1.62
CA ALA A 192 -14.38 -10.50 -0.24
C ALA A 192 -15.57 -11.40 -0.06
N ASP A 193 -15.54 -12.19 0.99
CA ASP A 193 -16.61 -13.09 1.32
C ASP A 193 -17.08 -12.98 2.75
N ASP A 194 -17.83 -13.97 3.21
CA ASP A 194 -18.48 -13.92 4.50
C ASP A 194 -17.51 -13.81 5.66
N SER A 195 -16.35 -14.41 5.54
CA SER A 195 -15.37 -14.33 6.61
C SER A 195 -14.34 -13.22 6.46
N SER A 196 -14.49 -12.38 5.46
CA SER A 196 -13.59 -11.28 5.20
C SER A 196 -13.85 -10.02 5.97
N VAL A 197 -12.82 -9.24 6.18
CA VAL A 197 -12.94 -7.87 6.62
C VAL A 197 -12.23 -7.00 5.61
N VAL A 198 -12.80 -5.87 5.30
CA VAL A 198 -12.20 -5.00 4.30
C VAL A 198 -11.75 -3.66 4.89
N TYR A 199 -10.50 -3.31 4.69
CA TYR A 199 -9.98 -2.03 5.05
C TYR A 199 -9.49 -1.28 3.81
N CYS A 200 -9.96 -0.06 3.67
CA CYS A 200 -9.70 0.75 2.50
C CYS A 200 -8.95 2.01 2.88
N ASP A 201 -7.83 2.24 2.21
CA ASP A 201 -7.03 3.42 2.36
C ASP A 201 -6.79 4.02 1.00
N PRO A 202 -7.91 4.68 0.47
CA PRO A 202 -7.72 5.21 -0.87
C PRO A 202 -6.92 6.49 -0.91
N PRO A 203 -6.50 6.92 -2.09
CA PRO A 203 -5.81 8.21 -2.18
C PRO A 203 -6.66 9.30 -1.55
N TYR A 204 -6.03 10.17 -0.77
CA TYR A 204 -6.74 11.20 0.00
C TYR A 204 -7.68 12.05 -0.86
N ALA A 205 -8.85 12.36 -0.29
CA ALA A 205 -9.78 13.27 -0.92
C ALA A 205 -9.21 14.69 -0.87
N PRO A 206 -9.72 15.60 -1.73
CA PRO A 206 -9.30 17.01 -1.69
C PRO A 206 -9.37 17.62 -0.29
N LEU A 207 -8.24 18.17 0.16
CA LEU A 207 -8.13 18.73 1.49
C LEU A 207 -8.78 20.12 1.57
N SER A 220 -5.38 9.70 -12.13
CA SER A 220 -5.47 9.82 -10.68
C SER A 220 -6.81 9.30 -10.17
N PHE A 221 -6.98 9.34 -8.85
CA PHE A 221 -8.21 8.87 -8.21
C PHE A 221 -9.26 9.98 -8.19
N THR A 222 -10.27 9.85 -9.03
CA THR A 222 -11.26 10.91 -9.21
C THR A 222 -12.30 10.94 -8.10
N LEU A 223 -13.07 12.02 -8.05
CA LEU A 223 -14.14 12.19 -7.06
C LEU A 223 -15.24 11.15 -7.29
N GLU A 224 -15.47 10.81 -8.55
CA GLU A 224 -16.46 9.79 -8.89
C GLU A 224 -16.04 8.44 -8.34
N GLN A 225 -14.74 8.16 -8.40
CA GLN A 225 -14.21 6.93 -7.84
C GLN A 225 -14.28 6.94 -6.32
N GLN A 226 -14.12 8.12 -5.73
CA GLN A 226 -14.23 8.28 -4.28
C GLN A 226 -15.63 7.91 -3.80
N ALA A 227 -16.64 8.35 -4.54
CA ALA A 227 -18.02 8.07 -4.21
C ALA A 227 -18.40 6.62 -4.54
N HIS A 228 -17.84 6.12 -5.63
CA HIS A 228 -18.13 4.76 -6.08
C HIS A 228 -17.60 3.75 -5.06
N LEU A 229 -16.51 4.10 -4.40
CA LEU A 229 -15.94 3.27 -3.34
C LEU A 229 -16.95 3.09 -2.21
N ALA A 230 -17.62 4.17 -1.85
CA ALA A 230 -18.63 4.12 -0.79
C ALA A 230 -19.81 3.24 -1.18
N GLU A 231 -20.19 3.30 -2.45
CA GLU A 231 -21.29 2.48 -2.98
C GLU A 231 -20.99 1.00 -2.83
N ILE A 232 -19.77 0.61 -3.18
CA ILE A 232 -19.35 -0.79 -3.09
C ILE A 232 -19.35 -1.23 -1.62
N ALA A 233 -18.90 -0.35 -0.73
CA ALA A 233 -18.87 -0.66 0.70
C ALA A 233 -20.28 -0.87 1.23
N GLU A 234 -21.23 -0.08 0.76
CA GLU A 234 -22.63 -0.23 1.15
C GLU A 234 -23.20 -1.55 0.64
N GLY A 235 -22.73 -2.00 -0.50
CA GLY A 235 -23.15 -3.27 -1.05
C GLY A 235 -22.60 -4.42 -0.23
N LEU A 236 -21.37 -4.27 0.24
CA LEU A 236 -20.70 -5.30 1.02
C LEU A 236 -21.30 -5.44 2.42
N VAL A 237 -21.63 -4.31 3.03
CA VAL A 237 -22.14 -4.32 4.40
C VAL A 237 -23.53 -4.94 4.46
N GLU A 238 -24.23 -4.99 3.32
CA GLU A 238 -25.52 -5.64 3.26
C GLU A 238 -25.35 -7.14 3.05
N ARG A 239 -24.16 -7.53 2.60
CA ARG A 239 -23.82 -8.94 2.47
C ARG A 239 -23.14 -9.43 3.75
N HIS A 240 -23.30 -8.66 4.82
CA HIS A 240 -22.72 -8.94 6.12
C HIS A 240 -21.19 -9.01 6.04
N ILE A 241 -20.60 -8.06 5.32
CA ILE A 241 -19.15 -7.93 5.23
C ILE A 241 -18.72 -6.56 5.75
N PRO A 242 -18.01 -6.54 6.89
CA PRO A 242 -17.58 -5.29 7.51
C PRO A 242 -16.52 -4.55 6.69
N VAL A 243 -16.71 -3.24 6.52
CA VAL A 243 -15.80 -2.43 5.73
C VAL A 243 -15.37 -1.18 6.49
N LEU A 244 -14.06 -0.97 6.57
CA LEU A 244 -13.52 0.22 7.20
C LEU A 244 -12.80 1.09 6.18
N ILE A 245 -13.15 2.38 6.14
CA ILE A 245 -12.53 3.30 5.21
C ILE A 245 -11.88 4.46 5.95
N SER A 246 -10.64 4.78 5.57
CA SER A 246 -9.94 5.91 6.15
C SER A 246 -9.79 7.01 5.11
N ASN A 247 -9.94 8.26 5.55
CA ASN A 247 -9.84 9.40 4.65
C ASN A 247 -9.79 10.70 5.45
N HIS A 248 -9.64 11.82 4.74
CA HIS A 248 -9.69 13.14 5.37
C HIS A 248 -11.10 13.42 5.90
N ASP A 249 -11.18 14.22 6.96
CA ASP A 249 -12.47 14.60 7.54
C ASP A 249 -12.96 15.90 6.92
N THR A 250 -13.75 15.80 5.86
CA THR A 250 -14.32 16.96 5.20
C THR A 250 -15.82 16.78 5.01
N MET A 251 -16.51 17.84 4.63
CA MET A 251 -17.95 17.78 4.41
C MET A 251 -18.28 16.92 3.21
N LEU A 252 -17.33 16.78 2.31
CA LEU A 252 -17.52 15.97 1.11
C LEU A 252 -17.37 14.48 1.42
N THR A 253 -16.43 14.14 2.29
CA THR A 253 -16.22 12.75 2.67
C THR A 253 -17.31 12.25 3.61
N ARG A 254 -17.85 13.16 4.41
CA ARG A 254 -18.95 12.82 5.31
C ARG A 254 -20.22 12.51 4.53
N GLU A 255 -20.37 13.15 3.38
CA GLU A 255 -21.50 12.89 2.50
C GLU A 255 -21.38 11.52 1.86
N TRP A 256 -20.15 11.16 1.50
CA TRP A 256 -19.86 9.87 0.89
C TRP A 256 -20.11 8.72 1.87
N TYR A 257 -19.64 8.89 3.10
CA TYR A 257 -19.69 7.82 4.09
C TYR A 257 -20.81 8.03 5.10
N GLN A 258 -21.89 8.67 4.65
CA GLN A 258 -22.98 9.03 5.54
C GLN A 258 -23.72 7.82 6.12
N ARG A 259 -23.65 6.70 5.40
CA ARG A 259 -24.32 5.47 5.85
C ARG A 259 -23.41 4.62 6.73
N ALA A 260 -22.40 5.24 7.33
CA ALA A 260 -21.46 4.52 8.17
C ALA A 260 -21.23 5.21 9.51
N LYS A 261 -20.71 4.46 10.48
CA LYS A 261 -20.32 5.02 11.76
C LYS A 261 -19.02 5.81 11.61
N LEU A 262 -19.09 7.11 11.90
CA LEU A 262 -17.94 7.98 11.70
C LEU A 262 -17.16 8.21 12.98
N HIS A 263 -15.83 8.08 12.89
CA HIS A 263 -14.95 8.36 14.01
C HIS A 263 -13.87 9.36 13.60
N VAL A 264 -13.74 10.43 14.37
CA VAL A 264 -12.76 11.47 14.07
C VAL A 264 -11.45 11.22 14.82
N VAL A 265 -10.35 11.26 14.09
CA VAL A 265 -9.03 11.05 14.67
C VAL A 265 -8.25 12.35 14.77
N LYS A 266 -7.68 12.61 15.94
CA LYS A 266 -6.90 13.82 16.21
C LYS A 266 -7.72 15.08 15.95
N VAL A 281 -5.46 18.74 8.88
CA VAL A 281 -6.84 18.51 9.34
C VAL A 281 -6.96 17.19 10.09
N ASP A 282 -8.19 16.76 10.33
CA ASP A 282 -8.44 15.53 11.07
C ASP A 282 -8.57 14.33 10.15
N GLU A 283 -8.37 13.14 10.71
CA GLU A 283 -8.53 11.89 9.96
C GLU A 283 -9.90 11.29 10.25
N LEU A 284 -10.54 10.77 9.20
CA LEU A 284 -11.87 10.18 9.33
C LEU A 284 -11.84 8.67 9.13
N LEU A 285 -12.43 7.95 10.07
CA LEU A 285 -12.57 6.50 9.97
C LEU A 285 -14.03 6.11 9.78
N ALA A 286 -14.38 5.69 8.57
CA ALA A 286 -15.76 5.32 8.27
C ALA A 286 -15.95 3.81 8.38
N LEU A 287 -16.68 3.38 9.39
CA LEU A 287 -16.89 1.96 9.64
C LEU A 287 -18.28 1.50 9.20
N TYR A 288 -18.31 0.55 8.27
CA TYR A 288 -19.55 -0.06 7.82
C TYR A 288 -19.78 -1.37 8.54
N LYS A 289 -20.69 -1.37 9.51
CA LYS A 289 -20.91 -2.53 10.35
C LYS A 289 -22.26 -3.19 10.07
N PRO A 290 -22.25 -4.48 9.73
CA PRO A 290 -23.48 -5.24 9.48
C PRO A 290 -24.23 -5.57 10.77
N GLY A 291 -25.55 -5.63 10.69
CA GLY A 291 -26.37 -5.94 11.86
C GLY A 291 -26.85 -7.37 11.86
N VAL A 292 -26.12 -8.24 12.55
CA VAL A 292 -26.48 -9.65 12.62
C VAL A 292 -27.82 -9.86 13.30
#